data_4E8O
#
_entry.id   4E8O
#
_cell.length_a   39.963
_cell.length_b   46.048
_cell.length_c   46.082
_cell.angle_alpha   102.55
_cell.angle_beta   97.13
_cell.angle_gamma   111.21
#
_symmetry.space_group_name_H-M   'P 1'
#
loop_
_entity.id
_entity.type
_entity.pdbx_description
1 polymer "Aac(6')-Ih protein"
2 non-polymer 'CHLORIDE ION'
3 water water
#
_entity_poly.entity_id   1
_entity_poly.type   'polypeptide(L)'
_entity_poly.pdbx_seq_one_letter_code
;MGSSHHHHHHSSGRENLYFQGMNIMPISESQLSDWLALRCLLWPDHEDVHLQEMRQLITQAHRLQLLAYTDTQQAIAMLE
ASIRYEYVNGTQTSPVAFLEGIFVLPEYRRSGIATGLVQQVEIWAKQFACTEFASDAALDNQISHAMHQALGFHETERVV
YFKKNIG
;
_entity_poly.pdbx_strand_id   A,B
#
loop_
_chem_comp.id
_chem_comp.type
_chem_comp.name
_chem_comp.formula
CL non-polymer 'CHLORIDE ION' 'Cl -1'
#
# COMPACT_ATOMS: atom_id res chain seq x y z
N GLY A 21 14.91 -3.30 34.02
CA GLY A 21 14.48 -1.97 33.61
C GLY A 21 14.85 -1.67 32.17
N MET A 22 14.09 -2.22 31.24
CA MET A 22 14.30 -1.97 29.82
C MET A 22 14.04 -0.49 29.50
N ASN A 23 14.88 0.09 28.65
CA ASN A 23 14.65 1.46 28.20
C ASN A 23 14.40 1.52 26.70
N ILE A 24 13.35 2.25 26.31
CA ILE A 24 13.00 2.42 24.90
C ILE A 24 13.40 3.82 24.46
N MET A 25 14.17 3.92 23.39
CA MET A 25 14.64 5.22 22.93
C MET A 25 14.65 5.32 21.42
N PRO A 26 14.44 6.54 20.89
CA PRO A 26 14.62 6.75 19.45
C PRO A 26 16.09 6.54 19.10
N ILE A 27 16.36 6.10 17.88
CA ILE A 27 17.72 5.73 17.48
C ILE A 27 18.53 6.93 16.97
N SER A 28 19.69 7.16 17.59
CA SER A 28 20.58 8.26 17.23
C SER A 28 21.60 7.81 16.20
N GLU A 29 22.30 8.75 15.57
CA GLU A 29 23.23 8.43 14.49
C GLU A 29 24.43 7.60 14.98
N SER A 30 24.59 7.50 16.29
CA SER A 30 25.71 6.75 16.87
C SER A 30 25.32 5.35 17.36
N GLN A 31 24.10 4.94 17.07
CA GLN A 31 23.60 3.63 17.48
C GLN A 31 23.26 2.76 16.27
N LEU A 32 23.94 3.02 15.16
CA LEU A 32 23.72 2.26 13.92
C LEU A 32 24.11 0.79 14.11
N SER A 33 25.10 0.55 14.96
CA SER A 33 25.60 -0.80 15.20
C SER A 33 24.52 -1.72 15.76
N ASP A 34 23.92 -1.32 16.88
CA ASP A 34 22.84 -2.09 17.51
C ASP A 34 21.63 -2.22 16.59
N TRP A 35 21.31 -1.12 15.92
CA TRP A 35 20.20 -1.08 14.98
C TRP A 35 20.45 -2.03 13.81
N LEU A 36 21.64 -1.96 13.22
CA LEU A 36 22.00 -2.83 12.10
C LEU A 36 21.93 -4.30 12.49
N ALA A 37 22.49 -4.63 13.65
CA ALA A 37 22.54 -6.01 14.13
C ALA A 37 21.15 -6.65 14.26
N LEU A 38 20.17 -5.87 14.73
CA LEU A 38 18.81 -6.37 14.86
C LEU A 38 18.07 -6.29 13.53
N ARG A 39 18.40 -5.27 12.74
CA ARG A 39 17.78 -5.04 11.43
C ARG A 39 18.19 -6.13 10.43
N CYS A 40 19.40 -6.67 10.59
CA CYS A 40 19.88 -7.74 9.73
C CYS A 40 19.19 -9.07 10.01
N LEU A 41 18.79 -9.28 11.26
CA LEU A 41 18.05 -10.49 11.63
C LEU A 41 16.64 -10.44 11.08
N LEU A 42 16.02 -9.26 11.15
CA LEU A 42 14.67 -9.06 10.62
C LEU A 42 14.65 -9.11 9.10
N TRP A 43 15.59 -8.40 8.47
CA TRP A 43 15.70 -8.36 7.01
C TRP A 43 17.13 -8.61 6.55
N PRO A 44 17.53 -9.88 6.40
CA PRO A 44 18.88 -10.21 5.92
C PRO A 44 19.19 -9.56 4.58
N ASP A 45 20.14 -8.63 4.59
CA ASP A 45 20.64 -7.96 3.38
C ASP A 45 22.08 -7.55 3.66
N HIS A 46 22.69 -6.82 2.74
CA HIS A 46 24.08 -6.39 2.93
C HIS A 46 24.20 -5.08 3.70
N GLU A 47 25.29 -4.95 4.47
CA GLU A 47 25.42 -3.90 5.48
C GLU A 47 25.35 -2.47 4.93
N ASP A 48 26.04 -2.22 3.82
CA ASP A 48 26.06 -0.87 3.24
C ASP A 48 24.69 -0.45 2.68
N VAL A 49 23.90 -1.42 2.23
CA VAL A 49 22.53 -1.17 1.80
C VAL A 49 21.69 -0.70 2.99
N HIS A 50 21.66 -1.53 4.04
CA HIS A 50 21.00 -1.20 5.30
C HIS A 50 21.42 0.18 5.80
N LEU A 51 22.72 0.37 5.96
CA LEU A 51 23.30 1.56 6.59
C LEU A 51 22.86 2.89 5.98
N GLN A 52 22.90 2.98 4.65
CA GLN A 52 22.53 4.22 3.98
C GLN A 52 21.03 4.46 3.98
N GLU A 53 20.25 3.37 4.03
CA GLU A 53 18.82 3.50 4.23
C GLU A 53 18.56 4.00 5.64
N MET A 54 19.31 3.46 6.60
CA MET A 54 19.17 3.81 8.01
C MET A 54 19.50 5.28 8.26
N ARG A 55 20.56 5.77 7.63
CA ARG A 55 20.96 7.17 7.81
C ARG A 55 19.91 8.14 7.29
N GLN A 56 19.25 7.79 6.20
CA GLN A 56 18.19 8.63 5.64
C GLN A 56 16.98 8.69 6.57
N LEU A 57 16.60 7.53 7.10
CA LEU A 57 15.43 7.40 7.96
C LEU A 57 15.46 8.34 9.18
N ILE A 58 16.65 8.47 9.77
CA ILE A 58 16.84 9.23 11.00
C ILE A 58 16.42 10.69 10.86
N THR A 59 16.58 11.24 9.65
CA THR A 59 16.30 12.65 9.39
C THR A 59 14.84 12.89 8.98
N GLN A 60 14.07 11.83 8.83
CA GLN A 60 12.72 11.95 8.29
C GLN A 60 11.65 12.14 9.37
N ALA A 61 10.85 13.18 9.19
CA ALA A 61 9.81 13.54 10.15
C ALA A 61 8.64 12.56 10.17
N HIS A 62 8.39 11.89 9.04
CA HIS A 62 7.30 10.92 8.95
C HIS A 62 7.74 9.52 9.37
N ARG A 63 8.94 9.41 9.93
CA ARG A 63 9.47 8.11 10.32
C ARG A 63 9.78 8.04 11.81
N LEU A 64 9.65 6.85 12.39
CA LEU A 64 10.02 6.60 13.77
C LEU A 64 10.77 5.28 13.85
N GLN A 65 11.94 5.30 14.49
CA GLN A 65 12.70 4.07 14.70
C GLN A 65 13.19 3.99 16.14
N LEU A 66 12.88 2.88 16.79
CA LEU A 66 13.16 2.74 18.22
C LEU A 66 14.05 1.55 18.51
N LEU A 67 14.81 1.64 19.61
CA LEU A 67 15.57 0.52 20.14
C LEU A 67 15.19 0.34 21.60
N ALA A 68 15.14 -0.90 22.06
CA ALA A 68 14.94 -1.19 23.47
C ALA A 68 16.26 -1.66 24.08
N TYR A 69 16.64 -1.06 25.22
CA TYR A 69 17.90 -1.41 25.87
C TYR A 69 17.67 -1.95 27.27
N THR A 70 18.44 -2.97 27.66
CA THR A 70 18.34 -3.52 29.01
C THR A 70 19.16 -2.72 29.99
N ASP A 71 19.41 -3.32 31.15
CA ASP A 71 20.29 -2.78 32.18
C ASP A 71 21.73 -2.70 31.68
N THR A 72 22.21 -3.79 31.08
CA THR A 72 23.59 -3.93 30.62
C THR A 72 23.81 -3.09 29.37
N GLN A 73 22.79 -2.29 29.03
CA GLN A 73 22.73 -1.55 27.78
C GLN A 73 22.91 -2.47 26.59
N GLN A 74 22.22 -3.60 26.62
CA GLN A 74 22.19 -4.52 25.49
C GLN A 74 20.94 -4.25 24.67
N ALA A 75 21.14 -4.02 23.38
CA ALA A 75 20.01 -3.81 22.47
C ALA A 75 19.28 -5.13 22.26
N ILE A 76 18.00 -5.17 22.64
CA ILE A 76 17.23 -6.42 22.62
C ILE A 76 16.00 -6.37 21.72
N ALA A 77 15.66 -5.17 21.24
CA ALA A 77 14.50 -5.02 20.36
C ALA A 77 14.61 -3.75 19.52
N MET A 78 14.00 -3.79 18.34
CA MET A 78 13.94 -2.61 17.47
C MET A 78 12.56 -2.52 16.83
N LEU A 79 12.17 -1.31 16.44
CA LEU A 79 10.91 -1.11 15.72
C LEU A 79 11.10 0.02 14.73
N GLU A 80 10.46 -0.10 13.57
CA GLU A 80 10.40 1.01 12.62
C GLU A 80 8.94 1.25 12.24
N ALA A 81 8.55 2.51 12.09
CA ALA A 81 7.19 2.82 11.66
C ALA A 81 7.19 4.10 10.83
N SER A 82 6.10 4.32 10.11
CA SER A 82 5.98 5.49 9.25
C SER A 82 4.57 6.06 9.28
N ILE A 83 4.44 7.31 8.82
CA ILE A 83 3.14 7.89 8.57
C ILE A 83 2.87 7.76 7.07
N ARG A 84 1.71 7.20 6.70
CA ARG A 84 1.36 6.99 5.30
C ARG A 84 0.26 7.94 4.87
N TYR A 85 0.47 8.63 3.75
CA TYR A 85 -0.51 9.60 3.27
C TYR A 85 -1.26 9.08 2.05
N GLU A 86 -0.78 7.99 1.48
CA GLU A 86 -1.47 7.32 0.37
C GLU A 86 -2.26 6.14 0.93
N TYR A 87 -3.25 5.67 0.17
CA TYR A 87 -4.17 4.65 0.68
C TYR A 87 -3.51 3.35 1.15
N VAL A 88 -3.77 3.00 2.41
CA VAL A 88 -3.32 1.73 2.97
C VAL A 88 -4.52 0.79 3.09
N ASN A 89 -4.39 -0.42 2.54
CA ASN A 89 -5.45 -1.42 2.57
C ASN A 89 -6.04 -1.67 3.96
N GLY A 90 -7.37 -1.72 4.04
CA GLY A 90 -8.04 -2.04 5.29
C GLY A 90 -8.40 -0.84 6.16
N THR A 91 -7.83 0.31 5.83
CA THR A 91 -8.08 1.52 6.60
C THR A 91 -9.21 2.35 5.98
N GLN A 92 -9.74 3.30 6.76
CA GLN A 92 -10.77 4.21 6.25
C GLN A 92 -10.42 5.66 6.58
N THR A 93 -9.21 5.87 7.09
CA THR A 93 -8.71 7.20 7.38
C THR A 93 -7.38 7.45 6.69
N SER A 94 -7.04 8.71 6.51
CA SER A 94 -5.73 9.11 6.02
C SER A 94 -5.36 10.43 6.65
N PRO A 95 -4.14 10.55 7.17
CA PRO A 95 -3.11 9.50 7.17
C PRO A 95 -3.31 8.45 8.25
N VAL A 96 -2.50 7.38 8.20
CA VAL A 96 -2.48 6.34 9.22
C VAL A 96 -1.04 6.05 9.62
N ALA A 97 -0.81 5.55 10.84
CA ALA A 97 0.52 5.07 11.19
C ALA A 97 0.68 3.70 10.54
N PHE A 98 1.91 3.29 10.25
CA PHE A 98 2.13 1.98 9.63
C PHE A 98 3.35 1.32 10.26
N LEU A 99 3.19 0.07 10.70
CA LEU A 99 4.31 -0.67 11.28
C LEU A 99 5.16 -1.24 10.16
N GLU A 100 6.36 -0.68 9.99
CA GLU A 100 7.24 -1.10 8.91
C GLU A 100 8.00 -2.37 9.30
N GLY A 101 8.35 -2.47 10.58
CA GLY A 101 9.05 -3.63 11.07
C GLY A 101 9.22 -3.59 12.57
N ILE A 102 9.33 -4.79 13.17
CA ILE A 102 9.58 -4.92 14.59
C ILE A 102 10.32 -6.23 14.84
N PHE A 103 11.36 -6.18 15.67
CA PHE A 103 12.08 -7.39 16.05
C PHE A 103 12.41 -7.35 17.53
N VAL A 104 12.10 -8.44 18.24
CA VAL A 104 12.55 -8.63 19.61
C VAL A 104 13.39 -9.90 19.64
N LEU A 105 14.54 -9.87 20.31
CA LEU A 105 15.33 -11.06 20.52
C LEU A 105 14.44 -12.11 21.19
N PRO A 106 14.52 -13.38 20.73
CA PRO A 106 13.66 -14.47 21.18
C PRO A 106 13.53 -14.52 22.70
N GLU A 107 14.66 -14.34 23.36
CA GLU A 107 14.77 -14.48 24.81
C GLU A 107 14.04 -13.39 25.59
N TYR A 108 13.71 -12.29 24.92
CA TYR A 108 13.11 -11.13 25.59
C TYR A 108 11.66 -10.85 25.18
N ARG A 109 11.07 -11.77 24.42
CA ARG A 109 9.69 -11.62 23.96
C ARG A 109 8.66 -11.79 25.07
N ARG A 110 8.96 -12.69 26.00
CA ARG A 110 8.06 -12.99 27.11
C ARG A 110 7.93 -11.80 28.07
N SER A 111 8.73 -10.76 27.84
CA SER A 111 8.74 -9.58 28.70
C SER A 111 7.75 -8.51 28.24
N GLY A 112 7.17 -8.70 27.07
CA GLY A 112 6.27 -7.71 26.49
C GLY A 112 6.97 -6.37 26.30
N ILE A 113 8.04 -6.37 25.51
CA ILE A 113 8.72 -5.13 25.15
C ILE A 113 8.18 -4.67 23.80
N ALA A 114 7.69 -5.64 23.03
CA ALA A 114 7.03 -5.36 21.76
C ALA A 114 5.79 -4.49 21.98
N THR A 115 5.05 -4.81 23.05
CA THR A 115 3.87 -4.04 23.44
C THR A 115 4.25 -2.59 23.75
N GLY A 116 5.31 -2.40 24.53
CA GLY A 116 5.79 -1.08 24.88
C GLY A 116 6.33 -0.31 23.70
N LEU A 117 6.81 -1.02 22.68
CA LEU A 117 7.30 -0.38 21.46
C LEU A 117 6.13 0.12 20.61
N VAL A 118 5.07 -0.68 20.53
CA VAL A 118 3.87 -0.31 19.79
C VAL A 118 3.23 0.94 20.40
N GLN A 119 3.16 0.98 21.73
CA GLN A 119 2.57 2.11 22.44
C GLN A 119 3.26 3.42 22.11
N GLN A 120 4.58 3.38 21.92
CA GLN A 120 5.34 4.59 21.60
C GLN A 120 5.01 5.11 20.20
N VAL A 121 4.67 4.20 19.29
CA VAL A 121 4.24 4.58 17.95
C VAL A 121 2.88 5.27 18.00
N GLU A 122 1.95 4.72 18.78
CA GLU A 122 0.60 5.26 18.91
C GLU A 122 0.60 6.69 19.45
N ILE A 123 1.38 6.93 20.50
CA ILE A 123 1.53 8.28 21.04
C ILE A 123 2.08 9.19 19.97
N TRP A 124 3.11 8.71 19.29
CA TRP A 124 3.73 9.43 18.17
C TRP A 124 2.74 9.65 17.04
N ALA A 125 1.92 8.65 16.77
CA ALA A 125 0.92 8.73 15.69
C ALA A 125 -0.25 9.64 16.04
N LYS A 126 -0.75 9.56 17.27
CA LYS A 126 -1.79 10.45 17.78
C LYS A 126 -1.41 11.91 17.56
N GLN A 127 -0.16 12.20 17.84
CA GLN A 127 0.40 13.55 17.77
C GLN A 127 0.70 13.91 16.30
N PHE A 128 0.43 12.97 15.39
CA PHE A 128 0.53 13.20 13.96
C PHE A 128 -0.87 13.25 13.32
N ALA A 129 -1.88 13.34 14.17
CA ALA A 129 -3.29 13.30 13.73
C ALA A 129 -3.67 12.01 12.99
N CYS A 130 -3.24 10.87 13.54
CA CYS A 130 -3.67 9.56 13.05
C CYS A 130 -4.58 8.90 14.07
N THR A 131 -5.55 8.12 13.58
CA THR A 131 -6.49 7.40 14.44
C THR A 131 -6.45 5.90 14.19
N GLU A 132 -5.78 5.51 13.11
CA GLU A 132 -5.63 4.09 12.77
C GLU A 132 -4.15 3.71 12.69
N PHE A 133 -3.85 2.46 13.03
CA PHE A 133 -2.49 1.95 13.06
C PHE A 133 -2.51 0.67 12.24
N ALA A 134 -1.98 0.72 11.02
CA ALA A 134 -2.03 -0.42 10.12
C ALA A 134 -0.71 -1.16 10.06
N SER A 135 -0.74 -2.35 9.49
CA SER A 135 0.47 -3.16 9.31
C SER A 135 0.14 -4.23 8.29
N ASP A 136 1.16 -4.96 7.84
CA ASP A 136 0.90 -6.12 7.01
C ASP A 136 1.89 -7.24 7.29
N ALA A 137 1.67 -8.39 6.67
CA ALA A 137 2.58 -9.51 6.79
C ALA A 137 2.39 -10.41 5.58
N ALA A 138 3.47 -11.08 5.18
CA ALA A 138 3.39 -12.09 4.13
C ALA A 138 2.34 -13.12 4.50
N LEU A 139 1.60 -13.61 3.53
CA LEU A 139 0.53 -14.58 3.77
C LEU A 139 1.07 -15.87 4.37
N ASP A 140 2.32 -16.21 4.05
CA ASP A 140 2.91 -17.47 4.51
C ASP A 140 3.67 -17.34 5.83
N ASN A 141 3.60 -16.16 6.45
CA ASN A 141 4.22 -15.94 7.75
C ASN A 141 3.17 -15.90 8.86
N GLN A 142 2.63 -17.06 9.20
CA GLN A 142 1.57 -17.16 10.21
C GLN A 142 2.02 -16.75 11.61
N ILE A 143 3.32 -16.80 11.88
CA ILE A 143 3.86 -16.40 13.18
C ILE A 143 3.72 -14.89 13.36
N SER A 144 3.91 -14.16 12.26
CA SER A 144 3.71 -12.72 12.28
C SER A 144 2.25 -12.38 12.50
N HIS A 145 1.36 -13.17 11.89
CA HIS A 145 -0.08 -13.01 12.06
C HIS A 145 -0.48 -13.22 13.52
N ALA A 146 0.10 -14.25 14.14
CA ALA A 146 -0.12 -14.52 15.54
C ALA A 146 0.42 -13.39 16.40
N MET A 147 1.52 -12.78 15.95
CA MET A 147 2.14 -11.68 16.69
C MET A 147 1.31 -10.40 16.60
N HIS A 148 0.80 -10.10 15.41
CA HIS A 148 -0.05 -8.93 15.22
C HIS A 148 -1.29 -8.97 16.12
N GLN A 149 -1.89 -10.14 16.26
N GLN A 149 -1.90 -10.13 16.28
CA GLN A 149 -3.03 -10.33 17.16
CA GLN A 149 -3.05 -10.28 17.18
C GLN A 149 -2.63 -10.07 18.60
C GLN A 149 -2.65 -10.11 18.64
N ALA A 150 -1.46 -10.60 18.99
CA ALA A 150 -0.95 -10.46 20.34
C ALA A 150 -0.72 -8.99 20.69
N LEU A 151 -0.44 -8.19 19.68
CA LEU A 151 -0.18 -6.77 19.84
C LEU A 151 -1.46 -5.93 19.68
N GLY A 152 -2.59 -6.60 19.48
CA GLY A 152 -3.87 -5.91 19.45
C GLY A 152 -4.38 -5.55 18.07
N PHE A 153 -3.66 -5.95 17.02
CA PHE A 153 -4.13 -5.73 15.66
C PHE A 153 -5.16 -6.79 15.31
N HIS A 154 -6.08 -6.45 14.41
CA HIS A 154 -7.01 -7.42 13.86
C HIS A 154 -6.89 -7.39 12.34
N GLU A 155 -7.18 -8.52 11.70
CA GLU A 155 -7.04 -8.67 10.26
C GLU A 155 -8.11 -7.86 9.52
N THR A 156 -7.72 -7.18 8.45
CA THR A 156 -8.66 -6.38 7.67
C THR A 156 -8.90 -6.95 6.28
N GLU A 157 -7.82 -7.34 5.60
CA GLU A 157 -7.91 -7.82 4.23
C GLU A 157 -6.80 -8.83 3.92
N ARG A 158 -7.08 -9.72 2.96
CA ARG A 158 -6.04 -10.54 2.38
C ARG A 158 -5.96 -10.24 0.89
N VAL A 159 -4.74 -9.97 0.42
CA VAL A 159 -4.52 -9.33 -0.88
C VAL A 159 -3.36 -9.95 -1.65
N VAL A 160 -3.55 -10.15 -2.95
CA VAL A 160 -2.47 -10.57 -3.84
C VAL A 160 -1.98 -9.37 -4.66
N TYR A 161 -0.66 -9.16 -4.68
CA TYR A 161 -0.10 -8.05 -5.46
C TYR A 161 0.38 -8.49 -6.83
N PHE A 162 0.28 -7.58 -7.80
CA PHE A 162 0.71 -7.85 -9.17
C PHE A 162 1.62 -6.73 -9.64
N LYS A 163 2.30 -6.97 -10.76
CA LYS A 163 3.24 -5.99 -11.29
C LYS A 163 3.54 -6.31 -12.75
N LYS A 164 3.78 -5.27 -13.53
CA LYS A 164 4.33 -5.43 -14.87
C LYS A 164 5.33 -4.31 -15.10
N ASN A 165 6.21 -4.48 -16.08
CA ASN A 165 7.21 -3.46 -16.37
C ASN A 165 6.69 -2.49 -17.43
N ILE A 166 7.12 -1.24 -17.36
CA ILE A 166 6.75 -0.23 -18.34
C ILE A 166 7.96 0.07 -19.23
N GLY A 167 9.00 0.61 -18.61
CA GLY A 167 10.25 0.88 -19.29
C GLY A 167 11.43 0.30 -18.51
N GLN B 20 -15.60 3.69 -35.96
CA GLN B 20 -16.61 2.65 -36.18
C GLN B 20 -16.42 1.48 -35.23
N GLY B 21 -15.77 1.73 -34.10
CA GLY B 21 -15.58 0.72 -33.07
C GLY B 21 -15.51 1.32 -31.69
N MET B 22 -14.44 1.00 -30.95
CA MET B 22 -14.27 1.49 -29.59
C MET B 22 -13.31 2.68 -29.54
N ASN B 23 -13.30 3.39 -28.41
CA ASN B 23 -12.57 4.65 -28.30
C ASN B 23 -12.33 5.08 -26.85
N ILE B 24 -11.06 5.23 -26.48
CA ILE B 24 -10.65 5.55 -25.11
C ILE B 24 -10.40 7.05 -24.91
N MET B 25 -10.93 7.61 -23.83
CA MET B 25 -10.69 9.02 -23.51
C MET B 25 -10.61 9.27 -22.01
N PRO B 26 -9.78 10.23 -21.60
CA PRO B 26 -9.80 10.68 -20.21
C PRO B 26 -11.15 11.34 -19.88
N ILE B 27 -11.65 11.10 -18.68
CA ILE B 27 -13.01 11.52 -18.28
C ILE B 27 -13.10 13.01 -17.91
N SER B 28 -14.12 13.69 -18.44
CA SER B 28 -14.37 15.10 -18.12
C SER B 28 -15.61 15.23 -17.25
N GLU B 29 -15.83 16.42 -16.69
CA GLU B 29 -16.99 16.67 -15.83
C GLU B 29 -18.30 16.40 -16.58
N SER B 30 -18.25 16.58 -17.90
CA SER B 30 -19.43 16.36 -18.74
C SER B 30 -19.84 14.88 -18.78
N GLN B 31 -18.92 13.99 -18.39
CA GLN B 31 -19.13 12.54 -18.50
C GLN B 31 -19.23 11.85 -17.14
N LEU B 32 -19.57 12.59 -16.09
CA LEU B 32 -19.63 12.03 -14.74
C LEU B 32 -20.69 10.93 -14.60
N SER B 33 -21.82 11.11 -15.28
CA SER B 33 -22.90 10.12 -15.25
C SER B 33 -22.49 8.78 -15.88
N ASP B 34 -21.83 8.83 -17.03
CA ASP B 34 -21.33 7.61 -17.67
C ASP B 34 -20.30 6.92 -16.77
N TRP B 35 -19.49 7.73 -16.10
CA TRP B 35 -18.45 7.23 -15.21
C TRP B 35 -19.08 6.59 -13.97
N LEU B 36 -20.08 7.25 -13.41
CA LEU B 36 -20.79 6.77 -12.22
C LEU B 36 -21.49 5.45 -12.48
N ALA B 37 -22.17 5.36 -13.61
CA ALA B 37 -22.93 4.16 -13.97
C ALA B 37 -22.08 2.89 -14.01
N LEU B 38 -20.85 3.01 -14.50
CA LEU B 38 -19.92 1.89 -14.53
C LEU B 38 -19.22 1.72 -13.19
N ARG B 39 -18.89 2.82 -12.56
CA ARG B 39 -18.19 2.81 -11.27
C ARG B 39 -19.02 2.12 -10.20
N CYS B 40 -20.34 2.27 -10.27
CA CYS B 40 -21.22 1.67 -9.27
C CYS B 40 -21.35 0.15 -9.46
N LEU B 41 -21.03 -0.32 -10.67
CA LEU B 41 -21.01 -1.76 -10.94
C LEU B 41 -19.75 -2.36 -10.35
N LEU B 42 -18.64 -1.62 -10.49
CA LEU B 42 -17.36 -2.06 -9.96
C LEU B 42 -17.36 -1.98 -8.44
N TRP B 43 -17.64 -0.79 -7.93
CA TRP B 43 -17.71 -0.58 -6.48
C TRP B 43 -19.09 -0.04 -6.09
N PRO B 44 -20.02 -0.94 -5.78
CA PRO B 44 -21.35 -0.51 -5.31
C PRO B 44 -21.24 0.33 -4.04
N ASP B 45 -21.71 1.58 -4.10
CA ASP B 45 -21.68 2.47 -2.95
C ASP B 45 -22.65 3.63 -3.13
N HIS B 46 -22.77 4.44 -2.08
CA HIS B 46 -23.66 5.58 -2.12
CA HIS B 46 -23.60 5.64 -2.06
C HIS B 46 -23.24 6.59 -3.21
N GLU B 47 -24.24 7.10 -3.92
CA GLU B 47 -24.02 7.98 -5.08
C GLU B 47 -23.18 9.22 -4.75
N ASP B 48 -23.46 9.83 -3.60
CA ASP B 48 -22.75 11.03 -3.19
C ASP B 48 -21.30 10.75 -2.81
N VAL B 49 -21.03 9.58 -2.23
CA VAL B 49 -19.66 9.17 -1.92
C VAL B 49 -18.85 9.04 -3.20
N HIS B 50 -19.42 8.38 -4.20
CA HIS B 50 -18.81 8.27 -5.52
C HIS B 50 -18.51 9.65 -6.11
N LEU B 51 -19.55 10.47 -6.26
CA LEU B 51 -19.45 11.78 -6.89
C LEU B 51 -18.45 12.70 -6.19
N GLN B 52 -18.43 12.65 -4.86
CA GLN B 52 -17.50 13.45 -4.08
C GLN B 52 -16.07 13.06 -4.44
N GLU B 53 -15.84 11.77 -4.61
CA GLU B 53 -14.51 11.27 -4.96
C GLU B 53 -14.18 11.57 -6.42
N MET B 54 -15.14 11.31 -7.31
CA MET B 54 -14.96 11.54 -8.74
C MET B 54 -14.58 12.99 -9.06
N ARG B 55 -15.20 13.96 -8.37
CA ARG B 55 -14.93 15.37 -8.63
C ARG B 55 -13.52 15.79 -8.19
N GLN B 56 -12.99 15.14 -7.15
CA GLN B 56 -11.62 15.40 -6.70
C GLN B 56 -10.61 14.84 -7.68
N LEU B 57 -10.79 13.56 -8.02
CA LEU B 57 -9.88 12.82 -8.90
C LEU B 57 -9.56 13.54 -10.21
N ILE B 58 -10.57 14.15 -10.83
CA ILE B 58 -10.41 14.78 -12.14
C ILE B 58 -9.58 16.07 -12.10
N THR B 59 -9.35 16.59 -10.90
CA THR B 59 -8.51 17.77 -10.72
C THR B 59 -7.07 17.39 -10.35
N GLN B 60 -6.83 16.09 -10.16
CA GLN B 60 -5.55 15.62 -9.63
C GLN B 60 -4.58 15.16 -10.72
N ALA B 61 -3.35 15.68 -10.68
CA ALA B 61 -2.33 15.37 -11.68
C ALA B 61 -1.79 13.95 -11.57
N HIS B 62 -1.85 13.38 -10.36
CA HIS B 62 -1.33 12.04 -10.12
C HIS B 62 -2.40 10.96 -10.32
N ARG B 63 -3.54 11.36 -10.87
CA ARG B 63 -4.64 10.43 -11.10
C ARG B 63 -5.04 10.38 -12.57
N LEU B 64 -5.39 9.19 -13.05
CA LEU B 64 -5.88 9.04 -14.41
C LEU B 64 -7.18 8.24 -14.40
N GLN B 65 -8.18 8.73 -15.10
CA GLN B 65 -9.44 8.01 -15.21
C GLN B 65 -9.93 8.03 -16.65
N LEU B 66 -10.24 6.85 -17.18
CA LEU B 66 -10.60 6.75 -18.59
C LEU B 66 -11.95 6.08 -18.78
N LEU B 67 -12.59 6.38 -19.92
CA LEU B 67 -13.79 5.67 -20.35
C LEU B 67 -13.57 5.19 -21.79
N ALA B 68 -14.15 4.03 -22.11
CA ALA B 68 -14.17 3.57 -23.49
C ALA B 68 -15.60 3.65 -24.01
N TYR B 69 -15.78 4.27 -25.16
CA TYR B 69 -17.12 4.44 -25.74
C TYR B 69 -17.28 3.66 -27.04
N THR B 70 -18.53 3.38 -27.40
CA THR B 70 -18.83 2.80 -28.70
C THR B 70 -19.13 3.91 -29.70
N ASP B 71 -19.63 3.52 -30.87
CA ASP B 71 -20.09 4.45 -31.89
C ASP B 71 -21.30 5.21 -31.37
N THR B 72 -22.16 4.47 -30.69
CA THR B 72 -23.45 4.98 -30.23
C THR B 72 -23.31 5.74 -28.92
N GLN B 73 -22.08 6.12 -28.59
CA GLN B 73 -21.75 6.83 -27.36
C GLN B 73 -22.15 6.07 -26.10
N GLN B 74 -22.06 4.74 -26.14
CA GLN B 74 -22.29 3.94 -24.94
C GLN B 74 -20.97 3.73 -24.20
N ALA B 75 -20.92 4.12 -22.93
CA ALA B 75 -19.75 3.85 -22.11
C ALA B 75 -19.76 2.39 -21.69
N ILE B 76 -18.76 1.64 -22.14
CA ILE B 76 -18.75 0.19 -21.91
C ILE B 76 -17.58 -0.28 -21.03
N ALA B 77 -16.67 0.62 -20.69
CA ALA B 77 -15.52 0.29 -19.84
C ALA B 77 -14.92 1.52 -19.18
N MET B 78 -14.28 1.32 -18.03
CA MET B 78 -13.61 2.39 -17.31
C MET B 78 -12.34 1.89 -16.64
N LEU B 79 -11.39 2.80 -16.42
CA LEU B 79 -10.18 2.49 -15.68
C LEU B 79 -9.82 3.67 -14.80
N GLU B 80 -9.28 3.39 -13.63
CA GLU B 80 -8.71 4.43 -12.77
C GLU B 80 -7.32 4.01 -12.36
N ALA B 81 -6.38 4.95 -12.37
CA ALA B 81 -5.02 4.63 -11.96
C ALA B 81 -4.43 5.81 -11.23
N SER B 82 -3.33 5.56 -10.51
CA SER B 82 -2.66 6.63 -9.77
C SER B 82 -1.16 6.46 -9.87
N ILE B 83 -0.44 7.53 -9.54
CA ILE B 83 1.00 7.46 -9.34
C ILE B 83 1.23 7.41 -7.83
N ARG B 84 1.99 6.41 -7.36
CA ARG B 84 2.22 6.23 -5.93
C ARG B 84 3.66 6.54 -5.59
N TYR B 85 3.87 7.33 -4.53
CA TYR B 85 5.22 7.70 -4.12
C TYR B 85 5.66 6.98 -2.85
N GLU B 86 4.71 6.31 -2.20
CA GLU B 86 5.01 5.50 -1.03
C GLU B 86 5.16 4.04 -1.47
N TYR B 87 5.87 3.25 -0.67
CA TYR B 87 6.19 1.88 -1.06
C TYR B 87 4.98 1.00 -1.38
N VAL B 88 4.93 0.49 -2.62
CA VAL B 88 3.91 -0.48 -2.99
C VAL B 88 4.52 -1.89 -2.99
N ASN B 89 3.88 -2.82 -2.29
CA ASN B 89 4.35 -4.20 -2.22
C ASN B 89 4.68 -4.82 -3.58
N GLY B 90 5.82 -5.50 -3.65
CA GLY B 90 6.21 -6.19 -4.87
C GLY B 90 7.06 -5.37 -5.82
N THR B 91 7.20 -4.07 -5.55
CA THR B 91 7.94 -3.16 -6.41
C THR B 91 9.37 -2.91 -5.91
N GLN B 92 10.23 -2.41 -6.79
CA GLN B 92 11.63 -2.13 -6.43
C GLN B 92 12.01 -0.71 -6.81
N THR B 93 11.04 0.06 -7.29
CA THR B 93 11.28 1.44 -7.68
C THR B 93 10.19 2.32 -7.09
N SER B 94 10.41 3.63 -7.17
CA SER B 94 9.41 4.60 -6.74
C SER B 94 9.73 5.90 -7.44
N PRO B 95 8.70 6.60 -7.97
CA PRO B 95 7.29 6.21 -7.89
C PRO B 95 6.92 5.05 -8.83
N VAL B 96 5.70 4.54 -8.69
CA VAL B 96 5.17 3.50 -9.57
C VAL B 96 3.74 3.85 -9.96
N ALA B 97 3.28 3.36 -11.11
CA ALA B 97 1.87 3.51 -11.47
C ALA B 97 1.11 2.45 -10.70
N PHE B 98 -0.17 2.69 -10.42
CA PHE B 98 -0.96 1.70 -9.71
C PHE B 98 -2.37 1.63 -10.26
N LEU B 99 -2.84 0.41 -10.53
CA LEU B 99 -4.19 0.21 -11.07
C LEU B 99 -5.20 0.22 -9.94
N GLU B 100 -6.03 1.26 -9.90
CA GLU B 100 -7.01 1.39 -8.83
C GLU B 100 -8.26 0.60 -9.15
N GLY B 101 -8.64 0.57 -10.43
CA GLY B 101 -9.83 -0.14 -10.84
C GLY B 101 -9.98 -0.21 -12.33
N ILE B 102 -10.48 -1.35 -12.80
CA ILE B 102 -10.80 -1.51 -14.20
C ILE B 102 -12.11 -2.30 -14.30
N PHE B 103 -12.97 -1.90 -15.23
CA PHE B 103 -14.21 -2.63 -15.42
C PHE B 103 -14.63 -2.56 -16.87
N VAL B 104 -14.87 -3.73 -17.46
CA VAL B 104 -15.40 -3.83 -18.81
C VAL B 104 -16.69 -4.62 -18.75
N LEU B 105 -17.72 -4.16 -19.45
CA LEU B 105 -18.96 -4.93 -19.59
C LEU B 105 -18.65 -6.27 -20.25
N PRO B 106 -19.24 -7.36 -19.74
CA PRO B 106 -18.93 -8.73 -20.17
C PRO B 106 -18.93 -8.91 -21.68
N GLU B 107 -19.91 -8.34 -22.36
CA GLU B 107 -20.02 -8.44 -23.81
C GLU B 107 -18.80 -7.89 -24.57
N TYR B 108 -17.97 -7.12 -23.86
CA TYR B 108 -16.86 -6.39 -24.49
C TYR B 108 -15.45 -6.84 -24.06
N ARG B 109 -15.39 -7.92 -23.27
CA ARG B 109 -14.09 -8.44 -22.79
C ARG B 109 -13.25 -9.09 -23.90
N ARG B 110 -13.90 -9.73 -24.86
CA ARG B 110 -13.20 -10.42 -25.94
C ARG B 110 -12.64 -9.44 -26.97
N SER B 111 -12.92 -8.15 -26.76
CA SER B 111 -12.48 -7.11 -27.68
C SER B 111 -11.08 -6.60 -27.32
N GLY B 112 -10.64 -6.91 -26.11
CA GLY B 112 -9.34 -6.50 -25.64
C GLY B 112 -9.24 -4.99 -25.45
N ILE B 113 -10.35 -4.36 -25.10
CA ILE B 113 -10.36 -2.93 -24.81
C ILE B 113 -9.67 -2.71 -23.46
N ALA B 114 -9.65 -3.76 -22.64
CA ALA B 114 -8.95 -3.72 -21.36
C ALA B 114 -7.45 -3.58 -21.59
N THR B 115 -6.95 -4.25 -22.62
CA THR B 115 -5.53 -4.12 -23.01
C THR B 115 -5.24 -2.69 -23.43
N GLY B 116 -6.13 -2.11 -24.23
CA GLY B 116 -5.99 -0.75 -24.68
C GLY B 116 -6.02 0.27 -23.56
N LEU B 117 -6.85 0.02 -22.55
CA LEU B 117 -6.94 0.92 -21.40
C LEU B 117 -5.65 0.89 -20.60
N VAL B 118 -5.14 -0.31 -20.34
CA VAL B 118 -3.88 -0.51 -19.63
C VAL B 118 -2.74 0.20 -20.35
N GLN B 119 -2.69 0.06 -21.67
CA GLN B 119 -1.65 0.68 -22.49
C GLN B 119 -1.65 2.20 -22.39
N GLN B 120 -2.82 2.79 -22.16
CA GLN B 120 -2.91 4.24 -22.01
C GLN B 120 -2.31 4.70 -20.69
N VAL B 121 -2.43 3.88 -19.65
CA VAL B 121 -1.82 4.19 -18.36
C VAL B 121 -0.30 4.21 -18.46
N GLU B 122 0.27 3.24 -19.19
CA GLU B 122 1.71 3.10 -19.32
C GLU B 122 2.34 4.30 -20.03
N ILE B 123 1.69 4.75 -21.11
CA ILE B 123 2.11 5.95 -21.81
C ILE B 123 2.09 7.13 -20.83
N TRP B 124 1.03 7.21 -20.05
CA TRP B 124 0.87 8.23 -19.03
C TRP B 124 1.87 8.07 -17.88
N ALA B 125 2.05 6.84 -17.41
CA ALA B 125 2.96 6.57 -16.30
C ALA B 125 4.42 6.85 -16.67
N LYS B 126 4.75 6.64 -17.95
CA LYS B 126 6.10 6.90 -18.45
C LYS B 126 6.47 8.36 -18.29
N GLN B 127 5.48 9.24 -18.41
CA GLN B 127 5.69 10.68 -18.24
C GLN B 127 6.14 10.98 -16.81
N PHE B 128 5.67 10.18 -15.86
CA PHE B 128 6.00 10.38 -14.46
C PHE B 128 7.30 9.68 -14.06
N ALA B 129 8.07 9.25 -15.06
CA ALA B 129 9.32 8.52 -14.85
C ALA B 129 9.12 7.23 -14.05
N CYS B 130 8.00 6.57 -14.29
CA CYS B 130 7.74 5.25 -13.72
C CYS B 130 8.21 4.16 -14.68
N THR B 131 8.70 3.06 -14.11
CA THR B 131 9.11 1.89 -14.90
C THR B 131 8.34 0.66 -14.44
N GLU B 132 7.56 0.82 -13.38
CA GLU B 132 6.75 -0.28 -12.87
C GLU B 132 5.27 0.12 -12.76
N PHE B 133 4.39 -0.86 -13.02
CA PHE B 133 2.95 -0.68 -13.02
C PHE B 133 2.42 -1.80 -12.14
N ALA B 134 1.90 -1.45 -10.97
CA ALA B 134 1.46 -2.45 -10.00
C ALA B 134 -0.05 -2.40 -9.84
N SER B 135 -0.60 -3.41 -9.16
CA SER B 135 -2.03 -3.52 -8.93
C SER B 135 -2.20 -4.52 -7.79
N ASP B 136 -3.44 -4.71 -7.34
CA ASP B 136 -3.69 -5.75 -6.34
C ASP B 136 -5.11 -6.27 -6.48
N ALA B 137 -5.42 -7.34 -5.76
CA ALA B 137 -6.73 -7.95 -5.82
C ALA B 137 -6.95 -8.71 -4.54
N ALA B 138 -8.21 -8.83 -4.12
CA ALA B 138 -8.54 -9.64 -2.96
C ALA B 138 -8.03 -11.05 -3.17
N LEU B 139 -7.57 -11.70 -2.10
CA LEU B 139 -7.00 -13.04 -2.19
C LEU B 139 -8.04 -14.05 -2.67
N ASP B 140 -9.31 -13.79 -2.36
CA ASP B 140 -10.39 -14.72 -2.70
C ASP B 140 -11.00 -14.48 -4.08
N ASN B 141 -10.45 -13.52 -4.83
CA ASN B 141 -10.94 -13.21 -6.17
C ASN B 141 -9.99 -13.74 -7.24
N GLN B 142 -10.07 -15.04 -7.52
CA GLN B 142 -9.15 -15.67 -8.47
C GLN B 142 -9.40 -15.22 -9.91
N ILE B 143 -10.62 -14.80 -10.20
CA ILE B 143 -10.98 -14.29 -11.53
C ILE B 143 -10.20 -13.01 -11.83
N SER B 144 -10.09 -12.14 -10.82
CA SER B 144 -9.28 -10.94 -10.93
C SER B 144 -7.82 -11.33 -11.13
N HIS B 145 -7.41 -12.44 -10.52
CA HIS B 145 -6.03 -12.92 -10.68
C HIS B 145 -5.82 -13.36 -12.12
N ALA B 146 -6.81 -14.06 -12.69
CA ALA B 146 -6.74 -14.48 -14.07
C ALA B 146 -6.77 -13.28 -15.02
N MET B 147 -7.58 -12.29 -14.70
CA MET B 147 -7.65 -11.06 -15.48
C MET B 147 -6.32 -10.30 -15.47
N HIS B 148 -5.71 -10.18 -14.30
CA HIS B 148 -4.42 -9.49 -14.17
C HIS B 148 -3.34 -10.16 -15.02
N GLN B 149 -3.30 -11.48 -14.99
CA GLN B 149 -2.30 -12.20 -15.79
C GLN B 149 -2.58 -12.07 -17.27
N ALA B 150 -3.85 -11.96 -17.64
CA ALA B 150 -4.23 -11.84 -19.05
C ALA B 150 -3.85 -10.46 -19.60
N LEU B 151 -3.61 -9.52 -18.69
CA LEU B 151 -3.23 -8.16 -19.05
C LEU B 151 -1.70 -7.94 -19.01
N GLY B 152 -0.96 -9.00 -18.68
CA GLY B 152 0.48 -8.91 -18.65
C GLY B 152 1.08 -8.69 -17.27
N PHE B 153 0.22 -8.64 -16.25
CA PHE B 153 0.69 -8.54 -14.87
C PHE B 153 1.11 -9.92 -14.38
N HIS B 154 2.12 -9.98 -13.51
CA HIS B 154 2.48 -11.22 -12.86
C HIS B 154 2.39 -11.01 -11.36
N GLU B 155 2.12 -12.07 -10.60
CA GLU B 155 1.98 -11.98 -9.15
C GLU B 155 3.33 -11.72 -8.50
N THR B 156 3.35 -10.85 -7.48
CA THR B 156 4.59 -10.53 -6.77
C THR B 156 4.61 -11.01 -5.31
N GLU B 157 3.50 -10.79 -4.61
CA GLU B 157 3.40 -11.09 -3.19
C GLU B 157 1.96 -11.36 -2.78
N ARG B 158 1.79 -12.18 -1.76
CA ARG B 158 0.51 -12.35 -1.09
C ARG B 158 0.66 -11.83 0.34
N VAL B 159 -0.29 -10.98 0.75
CA VAL B 159 -0.14 -10.16 1.95
C VAL B 159 -1.41 -10.19 2.81
N VAL B 160 -1.26 -10.23 4.14
CA VAL B 160 -2.38 -10.08 5.05
C VAL B 160 -2.27 -8.70 5.72
N TYR B 161 -3.33 -7.91 5.68
CA TYR B 161 -3.31 -6.58 6.31
C TYR B 161 -3.94 -6.61 7.69
N PHE B 162 -3.42 -5.78 8.58
CA PHE B 162 -3.92 -5.67 9.95
C PHE B 162 -4.11 -4.19 10.25
N LYS B 163 -4.86 -3.91 11.32
CA LYS B 163 -4.97 -2.56 11.83
C LYS B 163 -5.58 -2.56 13.22
N LYS B 164 -5.37 -1.48 13.95
CA LYS B 164 -6.00 -1.29 15.25
C LYS B 164 -6.32 0.20 15.38
N ASN B 165 -7.24 0.53 16.26
CA ASN B 165 -7.54 1.94 16.54
C ASN B 165 -6.48 2.58 17.43
N ILE B 166 -6.21 3.86 17.21
CA ILE B 166 -5.30 4.59 18.07
C ILE B 166 -6.10 5.43 19.06
N GLY B 167 -6.09 5.02 20.32
CA GLY B 167 -6.82 5.71 21.36
C GLY B 167 -6.02 6.83 22.01
CL CL C . 5.07 -7.84 3.27
CL CL D . 11.12 15.22 6.53
CL CL D . 11.13 15.22 6.54
CL CL E . 9.39 -10.32 17.22
CL CL F . -18.93 11.66 -25.09
CL CL G . -8.59 -5.24 -2.41
CL CL H . -2.81 17.95 -7.97
CL CL I . -12.67 -6.39 -16.54
#